data_8EUS
#
_entry.id   8EUS
#
_cell.length_a   53.145
_cell.length_b   65.207
_cell.length_c   68.534
_cell.angle_alpha   90.000
_cell.angle_beta   91.690
_cell.angle_gamma   90.000
#
_symmetry.space_group_name_H-M   'P 1 21 1'
#
loop_
_entity.id
_entity.type
_entity.pdbx_description
1 polymer 'NPC intracellular cholesterol transporter 1'
2 water water
#
_entity_poly.entity_id   1
_entity_poly.type   'polypeptide(L)'
_entity_poly.pdbx_seq_one_letter_code
;MVRVTTNPVDLWSAPSSQARLEKEYFDQHFGPFFRTEQLIIRAPLTDKHIYQPYPSGADVPFGPPLDIQILHQVLDLQIA
IENITASYDNETVTLQDICLAPLSPYNTNCTILSVLNYFQNSHSVLDHKKGDDFFVYADYHTHFLYCVRAPASLNDTSLL
HDPCLGTFGGPVFPWLVLGGYDDQNYNNATALVITFPVNNYYNDTEKLQRAQAWEKEFINFVKNYKNPNLTISFTAERSI
EDELNRESDSDVLEHHHHHHHH
;
_entity_poly.pdbx_strand_id   C,A
#
# COMPACT_ATOMS: atom_id res chain seq x y z
N PRO A 32 8.25 -13.81 -5.98
CA PRO A 32 6.84 -14.22 -5.99
C PRO A 32 5.87 -13.07 -5.68
N PHE A 33 6.42 -11.89 -5.41
CA PHE A 33 5.62 -10.70 -5.14
C PHE A 33 6.19 -9.55 -5.97
N PHE A 34 5.47 -8.43 -5.97
CA PHE A 34 5.86 -7.31 -6.81
C PHE A 34 7.29 -6.87 -6.50
N ARG A 35 7.94 -6.30 -7.51
CA ARG A 35 9.29 -5.78 -7.38
C ARG A 35 9.23 -4.30 -7.02
N THR A 36 10.13 -3.88 -6.12
CA THR A 36 10.09 -2.55 -5.53
C THR A 36 11.28 -1.74 -6.04
N GLU A 37 11.00 -0.69 -6.80
CA GLU A 37 11.95 0.36 -7.11
C GLU A 37 11.55 1.57 -6.27
N GLN A 38 12.50 2.14 -5.53
CA GLN A 38 12.11 3.09 -4.50
C GLN A 38 13.16 4.18 -4.32
N LEU A 39 12.68 5.40 -4.02
CA LEU A 39 13.49 6.56 -3.68
C LEU A 39 13.02 7.14 -2.36
N ILE A 40 13.97 7.50 -1.51
CA ILE A 40 13.72 8.29 -0.29
C ILE A 40 14.45 9.61 -0.49
N ILE A 41 13.69 10.71 -0.49
CA ILE A 41 14.21 12.02 -0.85
C ILE A 41 14.09 12.96 0.34
N ARG A 42 15.18 13.65 0.65
CA ARG A 42 15.18 14.69 1.68
C ARG A 42 15.72 15.99 1.07
N ALA A 43 15.40 17.10 1.72
CA ALA A 43 15.82 18.44 1.28
C ALA A 43 16.70 19.03 2.38
N PRO A 44 18.00 18.74 2.38
CA PRO A 44 18.84 19.16 3.51
C PRO A 44 19.05 20.65 3.61
N LEU A 45 19.06 21.37 2.49
CA LEU A 45 19.34 22.80 2.49
C LEU A 45 18.09 23.67 2.54
N THR A 46 16.93 23.08 2.80
CA THR A 46 15.66 23.79 2.77
C THR A 46 15.10 23.87 4.18
N ASP A 47 14.61 25.05 4.55
CA ASP A 47 14.06 25.27 5.87
C ASP A 47 12.58 24.89 5.91
N LYS A 48 12.10 24.59 7.11
CA LYS A 48 10.67 24.54 7.37
C LYS A 48 10.02 25.82 6.87
N HIS A 49 8.72 25.81 6.63
CA HIS A 49 8.00 27.06 6.41
C HIS A 49 6.63 26.95 7.06
N ILE A 50 5.92 28.07 7.10
CA ILE A 50 4.65 28.17 7.80
C ILE A 50 3.55 28.44 6.78
N TYR A 51 2.52 27.60 6.77
CA TYR A 51 1.31 27.88 6.03
C TYR A 51 0.37 28.66 6.95
N GLN A 52 0.00 29.87 6.53
CA GLN A 52 -0.95 30.68 7.29
C GLN A 52 -2.27 30.74 6.53
N PRO A 53 -3.29 29.98 6.94
CA PRO A 53 -4.50 29.89 6.14
C PRO A 53 -5.34 31.16 6.20
N TYR A 54 -6.15 31.34 5.15
CA TYR A 54 -7.03 32.48 4.96
C TYR A 54 -8.48 32.00 4.91
N PRO A 55 -9.45 32.80 5.39
CA PRO A 55 -9.33 34.11 6.05
C PRO A 55 -8.67 34.01 7.42
N SER A 56 -8.85 32.89 8.10
CA SER A 56 -8.19 32.64 9.36
C SER A 56 -7.95 31.14 9.50
N GLY A 57 -7.56 30.72 10.69
CA GLY A 57 -7.08 29.38 10.93
C GLY A 57 -5.71 29.45 11.56
N ALA A 58 -5.32 28.41 12.30
CA ALA A 58 -4.04 28.45 12.99
C ALA A 58 -2.91 28.08 12.03
N ASP A 59 -1.70 28.53 12.39
CA ASP A 59 -0.53 28.22 11.58
C ASP A 59 -0.35 26.72 11.43
N VAL A 60 0.13 26.31 10.26
CA VAL A 60 0.39 24.90 9.97
C VAL A 60 1.85 24.79 9.54
N PRO A 61 2.72 24.14 10.30
CA PRO A 61 4.11 23.99 9.85
C PRO A 61 4.22 22.98 8.72
N PHE A 62 5.18 23.22 7.82
CA PHE A 62 5.46 22.34 6.70
C PHE A 62 6.96 22.06 6.65
N GLY A 63 7.31 20.78 6.52
CA GLY A 63 8.69 20.35 6.56
C GLY A 63 9.45 20.73 5.31
N PRO A 64 10.76 20.57 5.34
CA PRO A 64 11.62 21.01 4.23
C PRO A 64 11.17 20.46 2.89
N PRO A 65 10.91 19.14 2.78
CA PRO A 65 10.66 18.57 1.43
C PRO A 65 9.30 18.90 0.86
N LEU A 66 8.41 19.52 1.62
CA LEU A 66 7.13 19.96 1.09
C LEU A 66 7.17 21.42 0.66
N ASP A 67 8.36 22.02 0.62
CA ASP A 67 8.55 23.28 -0.08
C ASP A 67 8.16 23.14 -1.54
N ILE A 68 7.50 24.17 -2.09
CA ILE A 68 6.91 24.06 -3.43
C ILE A 68 7.99 23.82 -4.48
N GLN A 69 9.12 24.53 -4.36
CA GLN A 69 10.19 24.37 -5.33
CA GLN A 69 10.17 24.37 -5.36
C GLN A 69 10.81 22.98 -5.25
N ILE A 70 10.96 22.46 -4.03
CA ILE A 70 11.45 21.10 -3.89
C ILE A 70 10.48 20.13 -4.56
N LEU A 71 9.17 20.35 -4.38
CA LEU A 71 8.20 19.44 -4.96
C LEU A 71 8.24 19.47 -6.48
N HIS A 72 8.47 20.64 -7.07
CA HIS A 72 8.64 20.71 -8.52
C HIS A 72 9.88 19.92 -8.96
N GLN A 73 11.01 20.13 -8.27
CA GLN A 73 12.21 19.38 -8.59
C GLN A 73 11.96 17.87 -8.49
N VAL A 74 11.26 17.44 -7.44
CA VAL A 74 11.03 16.01 -7.24
C VAL A 74 10.11 15.47 -8.33
N LEU A 75 9.11 16.25 -8.72
CA LEU A 75 8.22 15.80 -9.80
C LEU A 75 9.01 15.60 -11.08
N ASP A 76 9.97 16.47 -11.36
CA ASP A 76 10.72 16.31 -12.59
C ASP A 76 11.66 15.11 -12.52
N LEU A 77 12.24 14.85 -11.35
CA LEU A 77 13.00 13.60 -11.17
C LEU A 77 12.12 12.38 -11.39
N GLN A 78 10.90 12.42 -10.85
CA GLN A 78 9.97 11.29 -11.00
C GLN A 78 9.62 11.06 -12.46
N ILE A 79 9.32 12.13 -13.18
CA ILE A 79 9.00 12.02 -14.61
C ILE A 79 10.21 11.49 -15.39
N ALA A 80 11.41 11.97 -15.03
CA ALA A 80 12.61 11.46 -15.69
C ALA A 80 12.74 9.96 -15.49
N ILE A 81 12.41 9.47 -14.29
CA ILE A 81 12.45 8.02 -14.06
C ILE A 81 11.39 7.33 -14.92
N GLU A 82 10.22 7.95 -15.06
CA GLU A 82 9.17 7.37 -15.89
C GLU A 82 9.60 7.26 -17.35
N ASN A 83 10.55 8.08 -17.80
CA ASN A 83 10.97 8.09 -19.18
C ASN A 83 12.34 7.44 -19.40
N ILE A 84 12.91 6.80 -18.37
CA ILE A 84 14.09 5.98 -18.57
C ILE A 84 13.75 4.83 -19.52
N THR A 85 14.64 4.58 -20.49
CA THR A 85 14.53 3.40 -21.34
C THR A 85 15.82 2.59 -21.24
N ALA A 86 15.68 1.28 -21.08
CA ALA A 86 16.81 0.36 -21.09
C ALA A 86 16.87 -0.36 -22.43
N SER A 87 18.07 -0.76 -22.83
CA SER A 87 18.25 -1.58 -24.02
C SER A 87 18.40 -3.03 -23.59
N TYR A 88 17.56 -3.91 -24.13
CA TYR A 88 17.64 -5.33 -23.84
C TYR A 88 17.75 -6.08 -25.17
N ASP A 89 18.96 -6.53 -25.48
CA ASP A 89 19.25 -7.08 -26.81
C ASP A 89 18.78 -6.07 -27.85
N ASN A 90 17.84 -6.43 -28.71
CA ASN A 90 17.36 -5.50 -29.72
C ASN A 90 16.05 -4.82 -29.36
N GLU A 91 15.61 -4.92 -28.11
CA GLU A 91 14.40 -4.25 -27.65
C GLU A 91 14.75 -3.04 -26.78
N THR A 92 13.80 -2.12 -26.67
CA THR A 92 13.83 -1.07 -25.67
C THR A 92 12.77 -1.38 -24.62
N VAL A 93 13.13 -1.23 -23.36
CA VAL A 93 12.25 -1.50 -22.23
C VAL A 93 11.97 -0.18 -21.55
N THR A 94 10.69 0.15 -21.40
CA THR A 94 10.23 1.31 -20.65
C THR A 94 9.60 0.84 -19.35
N LEU A 95 9.41 1.79 -18.42
CA LEU A 95 8.69 1.48 -17.20
C LEU A 95 7.27 1.02 -17.52
N GLN A 96 6.65 1.63 -18.53
CA GLN A 96 5.31 1.26 -18.93
C GLN A 96 5.20 -0.21 -19.31
N ASP A 97 6.30 -0.80 -19.83
CA ASP A 97 6.26 -2.19 -20.24
C ASP A 97 6.20 -3.14 -19.05
N ILE A 98 6.75 -2.75 -17.91
CA ILE A 98 6.95 -3.67 -16.79
C ILE A 98 6.20 -3.25 -15.53
N CYS A 99 5.58 -2.08 -15.50
CA CYS A 99 5.07 -1.57 -14.24
C CYS A 99 3.73 -2.19 -13.90
N LEU A 100 3.43 -2.20 -12.60
CA LEU A 100 2.10 -2.56 -12.11
C LEU A 100 1.11 -1.52 -12.59
N ALA A 101 0.24 -1.91 -13.53
CA ALA A 101 -0.87 -1.09 -14.00
C ALA A 101 -2.13 -1.91 -13.76
N PRO A 102 -2.64 -1.94 -12.52
CA PRO A 102 -3.73 -2.89 -12.21
C PRO A 102 -5.01 -2.60 -12.96
N LEU A 103 -5.26 -1.35 -13.34
CA LEU A 103 -6.47 -0.99 -14.07
C LEU A 103 -6.32 -1.09 -15.58
N SER A 104 -5.14 -1.44 -16.08
CA SER A 104 -4.97 -1.58 -17.52
C SER A 104 -5.71 -2.83 -18.00
N PRO A 105 -6.07 -2.89 -19.28
CA PRO A 105 -5.72 -1.99 -20.40
C PRO A 105 -6.46 -0.66 -20.45
N TYR A 106 -7.43 -0.42 -19.57
CA TYR A 106 -8.29 0.75 -19.73
C TYR A 106 -7.62 2.01 -19.18
N ASN A 107 -6.99 1.92 -18.02
CA ASN A 107 -6.06 2.93 -17.52
C ASN A 107 -4.70 2.27 -17.42
N THR A 108 -3.77 2.66 -18.30
CA THR A 108 -2.45 2.06 -18.37
C THR A 108 -1.40 2.84 -17.59
N ASN A 109 -1.80 3.87 -16.86
CA ASN A 109 -0.85 4.66 -16.08
C ASN A 109 -0.16 3.76 -15.06
N CYS A 110 1.16 3.83 -15.01
CA CYS A 110 1.90 3.08 -14.01
C CYS A 110 1.51 3.52 -12.61
N THR A 111 1.38 2.56 -11.71
CA THR A 111 1.23 2.88 -10.29
C THR A 111 2.50 3.56 -9.81
N ILE A 112 2.35 4.77 -9.26
CA ILE A 112 3.45 5.50 -8.65
C ILE A 112 2.94 6.04 -7.32
N LEU A 113 3.48 5.50 -6.23
CA LEU A 113 3.09 5.93 -4.88
C LEU A 113 3.99 7.09 -4.49
N SER A 114 3.45 8.29 -4.58
CA SER A 114 4.23 9.50 -4.35
C SER A 114 3.28 10.61 -3.91
N VAL A 115 3.80 11.51 -3.07
CA VAL A 115 3.01 12.66 -2.66
C VAL A 115 2.57 13.48 -3.87
N LEU A 116 3.39 13.49 -4.93
CA LEU A 116 3.05 14.24 -6.13
C LEU A 116 1.78 13.72 -6.80
N ASN A 117 1.38 12.48 -6.53
CA ASN A 117 0.15 11.97 -7.13
C ASN A 117 -1.11 12.57 -6.49
N TYR A 118 -0.99 13.25 -5.35
CA TYR A 118 -2.11 14.06 -4.89
C TYR A 118 -2.38 15.21 -5.86
N PHE A 119 -1.38 15.56 -6.67
CA PHE A 119 -1.50 16.58 -7.70
C PHE A 119 -1.45 15.97 -9.09
N GLN A 120 -1.74 14.67 -9.19
CA GLN A 120 -1.76 13.96 -10.47
C GLN A 120 -0.47 14.17 -11.25
N ASN A 121 0.65 14.25 -10.51
CA ASN A 121 1.98 14.36 -11.10
C ASN A 121 2.03 15.48 -12.15
N SER A 122 1.42 16.62 -11.83
CA SER A 122 1.29 17.72 -12.77
C SER A 122 1.87 18.98 -12.15
N HIS A 123 2.84 19.59 -12.83
CA HIS A 123 3.41 20.85 -12.36
C HIS A 123 2.32 21.90 -12.18
N SER A 124 1.35 21.93 -13.09
CA SER A 124 0.37 23.01 -13.08
C SER A 124 -0.70 22.81 -12.01
N VAL A 125 -1.08 21.56 -11.73
CA VAL A 125 -1.94 21.31 -10.58
C VAL A 125 -1.23 21.70 -9.30
N LEU A 126 0.05 21.35 -9.18
CA LEU A 126 0.83 21.73 -8.00
C LEU A 126 0.80 23.24 -7.80
N ASP A 127 0.76 24.01 -8.88
CA ASP A 127 0.75 25.46 -8.83
C ASP A 127 -0.65 26.06 -8.74
N HIS A 128 -1.70 25.24 -8.79
CA HIS A 128 -3.05 25.76 -8.66
C HIS A 128 -3.19 26.56 -7.37
N LYS A 129 -3.83 27.72 -7.47
CA LYS A 129 -4.04 28.57 -6.30
C LYS A 129 -5.20 29.51 -6.58
N LYS A 130 -5.97 29.81 -5.54
CA LYS A 130 -7.02 30.82 -5.59
C LYS A 130 -6.60 31.96 -4.66
N GLY A 131 -6.45 33.16 -5.22
CA GLY A 131 -5.88 34.25 -4.45
C GLY A 131 -6.10 35.59 -5.12
N ASP A 132 -5.73 36.63 -4.38
CA ASP A 132 -5.77 38.01 -4.84
C ASP A 132 -4.33 38.51 -5.01
N ASP A 133 -4.19 39.82 -5.22
CA ASP A 133 -2.87 40.44 -5.24
C ASP A 133 -2.25 40.52 -3.84
N PHE A 134 -3.05 40.33 -2.79
CA PHE A 134 -2.55 40.39 -1.42
C PHE A 134 -2.71 39.09 -0.65
N PHE A 135 -3.71 38.27 -0.97
CA PHE A 135 -4.04 37.10 -0.18
C PHE A 135 -4.21 35.88 -1.07
N VAL A 136 -4.07 34.71 -0.45
CA VAL A 136 -4.25 33.43 -1.12
C VAL A 136 -5.27 32.63 -0.32
N TYR A 137 -6.37 32.26 -0.96
CA TYR A 137 -7.44 31.54 -0.27
C TYR A 137 -7.18 30.05 -0.22
N ALA A 138 -6.60 29.49 -1.28
CA ALA A 138 -6.35 28.07 -1.39
C ALA A 138 -5.17 27.84 -2.31
N ASP A 139 -4.34 26.85 -1.97
CA ASP A 139 -3.18 26.51 -2.78
C ASP A 139 -2.78 25.07 -2.46
N TYR A 140 -1.55 24.69 -2.80
CA TYR A 140 -1.14 23.29 -2.64
C TYR A 140 -1.10 22.88 -1.17
N HIS A 141 -0.90 23.83 -0.25
CA HIS A 141 -1.03 23.52 1.17
C HIS A 141 -2.43 22.98 1.47
N THR A 142 -3.46 23.71 1.04
CA THR A 142 -4.85 23.31 1.28
C THR A 142 -5.11 21.93 0.70
N HIS A 143 -4.71 21.71 -0.55
CA HIS A 143 -4.94 20.43 -1.20
C HIS A 143 -4.24 19.30 -0.45
N PHE A 144 -2.96 19.50 -0.10
CA PHE A 144 -2.24 18.49 0.66
C PHE A 144 -2.98 18.15 1.94
N LEU A 145 -3.31 19.17 2.75
CA LEU A 145 -3.94 18.91 4.03
C LEU A 145 -5.26 18.17 3.88
N TYR A 146 -6.00 18.43 2.81
CA TYR A 146 -7.24 17.67 2.59
C TYR A 146 -6.94 16.23 2.17
N CYS A 147 -6.06 16.05 1.18
CA CYS A 147 -5.90 14.74 0.57
C CYS A 147 -5.34 13.72 1.54
N VAL A 148 -4.42 14.13 2.42
CA VAL A 148 -3.84 13.17 3.36
C VAL A 148 -4.91 12.59 4.28
N ARG A 149 -6.08 13.24 4.37
CA ARG A 149 -7.20 12.71 5.14
C ARG A 149 -8.27 12.07 4.26
N ALA A 150 -8.27 12.34 2.96
CA ALA A 150 -9.27 11.80 2.04
C ALA A 150 -8.61 11.43 0.72
N PRO A 151 -7.73 10.43 0.73
CA PRO A 151 -6.92 10.16 -0.47
C PRO A 151 -7.73 9.70 -1.67
N ALA A 152 -8.91 9.14 -1.48
CA ALA A 152 -9.71 8.60 -2.57
C ALA A 152 -10.68 9.62 -3.15
N SER A 153 -10.69 10.85 -2.63
CA SER A 153 -11.69 11.83 -3.04
C SER A 153 -11.43 12.34 -4.45
N LEU A 154 -12.51 12.58 -5.19
CA LEU A 154 -12.43 13.17 -6.52
C LEU A 154 -12.47 14.70 -6.49
N ASN A 155 -12.69 15.30 -5.31
CA ASN A 155 -12.90 16.74 -5.22
C ASN A 155 -12.59 17.18 -3.80
N ASP A 156 -11.67 18.14 -3.66
CA ASP A 156 -11.18 18.53 -2.35
C ASP A 156 -12.08 19.55 -1.64
N THR A 157 -13.27 19.81 -2.17
CA THR A 157 -14.28 20.66 -1.55
C THR A 157 -13.82 22.10 -1.36
N SER A 158 -12.65 22.47 -1.87
CA SER A 158 -12.15 23.83 -1.79
C SER A 158 -12.41 24.54 -3.12
N LEU A 159 -11.94 25.79 -3.20
CA LEU A 159 -12.14 26.56 -4.41
C LEU A 159 -11.46 25.94 -5.63
N LEU A 160 -10.44 25.10 -5.41
CA LEU A 160 -9.75 24.48 -6.53
C LEU A 160 -10.56 23.30 -7.09
N HIS A 161 -11.19 22.52 -6.21
CA HIS A 161 -11.97 21.35 -6.61
C HIS A 161 -11.10 20.29 -7.28
N ASP A 162 -9.84 20.19 -6.87
CA ASP A 162 -8.92 19.26 -7.51
C ASP A 162 -9.09 17.84 -6.95
N PRO A 163 -8.84 16.83 -7.77
CA PRO A 163 -8.89 15.45 -7.28
C PRO A 163 -7.68 15.11 -6.43
N CYS A 164 -7.85 14.09 -5.58
CA CYS A 164 -6.77 13.54 -4.77
C CYS A 164 -6.23 12.22 -5.31
N LEU A 165 -6.98 11.54 -6.18
CA LEU A 165 -6.57 10.23 -6.66
C LEU A 165 -5.34 10.34 -7.57
N GLY A 166 -4.43 9.37 -7.43
CA GLY A 166 -3.32 9.28 -8.36
C GLY A 166 -3.79 8.95 -9.77
N THR A 167 -2.90 9.20 -10.73
CA THR A 167 -3.26 9.01 -12.13
C THR A 167 -3.43 7.55 -12.51
N PHE A 168 -3.05 6.62 -11.64
CA PHE A 168 -3.32 5.20 -11.87
C PHE A 168 -4.73 4.81 -11.40
N GLY A 169 -5.56 5.78 -11.03
CA GLY A 169 -6.93 5.53 -10.64
C GLY A 169 -7.14 5.09 -9.22
N GLY A 170 -6.09 5.03 -8.40
CA GLY A 170 -6.21 4.56 -7.04
C GLY A 170 -5.70 5.56 -6.03
N PRO A 171 -5.99 5.31 -4.75
CA PRO A 171 -5.58 6.25 -3.70
C PRO A 171 -4.16 6.02 -3.22
N VAL A 172 -3.58 7.09 -2.69
CA VAL A 172 -2.21 7.09 -2.18
C VAL A 172 -2.28 7.41 -0.69
N PHE A 173 -2.01 6.42 0.15
CA PHE A 173 -2.10 6.65 1.58
C PHE A 173 -0.88 7.45 2.07
N PRO A 174 -1.10 8.46 2.92
CA PRO A 174 0.01 9.36 3.28
C PRO A 174 1.14 8.68 4.01
N TRP A 175 0.87 7.58 4.72
CA TRP A 175 1.93 6.91 5.46
C TRP A 175 2.80 6.04 4.56
N LEU A 176 2.43 5.86 3.29
CA LEU A 176 3.27 5.15 2.35
C LEU A 176 4.22 6.05 1.57
N VAL A 177 4.02 7.37 1.63
CA VAL A 177 4.77 8.28 0.76
C VAL A 177 5.40 9.43 1.54
N LEU A 178 5.38 9.36 2.87
CA LEU A 178 5.99 10.38 3.70
C LEU A 178 6.62 9.74 4.93
N GLY A 179 7.65 10.40 5.45
CA GLY A 179 8.34 9.91 6.64
C GLY A 179 8.90 11.04 7.46
N GLY A 180 9.18 10.74 8.73
CA GLY A 180 9.77 11.70 9.62
C GLY A 180 8.80 12.64 10.32
N TYR A 181 7.50 12.45 10.15
CA TYR A 181 6.52 13.29 10.78
C TYR A 181 6.17 12.76 12.17
N ASP A 182 5.37 13.54 12.91
CA ASP A 182 4.93 13.19 14.25
C ASP A 182 3.44 12.87 14.23
N ASP A 183 3.07 11.79 14.93
CA ASP A 183 1.68 11.36 15.01
C ASP A 183 1.08 11.21 13.62
N GLN A 184 0.00 11.94 13.32
CA GLN A 184 -0.59 11.96 11.99
C GLN A 184 -0.45 13.34 11.36
N ASN A 185 0.57 14.10 11.76
CA ASN A 185 0.81 15.44 11.22
C ASN A 185 1.73 15.32 10.00
N TYR A 186 1.16 14.80 8.93
CA TYR A 186 1.94 14.55 7.71
C TYR A 186 2.57 15.82 7.17
N ASN A 187 2.03 16.99 7.51
CA ASN A 187 2.63 18.25 7.06
C ASN A 187 4.04 18.43 7.57
N ASN A 188 4.41 17.77 8.68
CA ASN A 188 5.74 17.89 9.24
C ASN A 188 6.74 16.89 8.67
N ALA A 189 6.40 16.23 7.57
CA ALA A 189 7.28 15.22 7.01
C ALA A 189 8.64 15.81 6.66
N THR A 190 9.70 15.03 6.91
CA THR A 190 11.06 15.41 6.55
C THR A 190 11.65 14.52 5.47
N ALA A 191 10.88 13.57 4.94
CA ALA A 191 11.32 12.78 3.81
C ALA A 191 10.12 12.39 2.96
N LEU A 192 10.34 12.27 1.66
CA LEU A 192 9.36 11.75 0.72
C LEU A 192 9.77 10.35 0.30
N VAL A 193 8.79 9.46 0.17
CA VAL A 193 9.01 8.11 -0.33
C VAL A 193 8.27 7.97 -1.65
N ILE A 194 8.99 7.58 -2.70
CA ILE A 194 8.43 7.39 -4.03
C ILE A 194 8.68 5.95 -4.44
N THR A 195 7.62 5.21 -4.71
CA THR A 195 7.70 3.79 -5.04
C THR A 195 7.09 3.54 -6.41
N PHE A 196 7.81 2.79 -7.24
CA PHE A 196 7.35 2.34 -8.56
C PHE A 196 7.17 0.82 -8.49
N PRO A 197 5.98 0.31 -8.19
CA PRO A 197 5.79 -1.14 -8.22
C PRO A 197 5.96 -1.70 -9.63
N VAL A 198 6.63 -2.84 -9.72
CA VAL A 198 6.91 -3.51 -10.98
C VAL A 198 6.42 -4.94 -10.87
N ASN A 199 5.95 -5.49 -11.99
CA ASN A 199 5.38 -6.83 -11.96
C ASN A 199 6.41 -7.85 -11.50
N ASN A 200 5.92 -8.90 -10.83
CA ASN A 200 6.80 -9.94 -10.32
C ASN A 200 7.34 -10.82 -11.44
N TYR A 201 6.52 -11.11 -12.44
CA TYR A 201 6.88 -12.02 -13.52
C TYR A 201 7.30 -13.38 -12.97
N TYR A 202 6.50 -13.88 -12.03
CA TYR A 202 6.65 -15.23 -11.51
C TYR A 202 6.37 -16.25 -12.61
N ASN A 203 7.31 -17.17 -12.81
CA ASN A 203 7.22 -18.19 -13.85
C ASN A 203 7.29 -17.62 -15.27
N ASP A 204 7.75 -16.37 -15.41
CA ASP A 204 7.98 -15.76 -16.74
C ASP A 204 9.37 -15.13 -16.71
N THR A 205 10.40 -15.96 -16.84
CA THR A 205 11.77 -15.46 -16.74
C THR A 205 12.12 -14.52 -17.88
N GLU A 206 11.52 -14.70 -19.05
CA GLU A 206 11.82 -13.83 -20.19
C GLU A 206 11.50 -12.38 -19.87
N LYS A 207 10.25 -12.10 -19.51
CA LYS A 207 9.87 -10.74 -19.12
C LYS A 207 10.65 -10.26 -17.90
N LEU A 208 10.98 -11.19 -17.01
CA LEU A 208 11.80 -10.84 -15.84
C LEU A 208 13.13 -10.25 -16.29
N GLN A 209 13.70 -10.76 -17.38
CA GLN A 209 14.94 -10.20 -17.89
C GLN A 209 14.78 -8.73 -18.27
N ARG A 210 13.67 -8.39 -18.94
CA ARG A 210 13.44 -7.00 -19.30
C ARG A 210 13.29 -6.12 -18.07
N ALA A 211 12.56 -6.60 -17.06
CA ALA A 211 12.41 -5.82 -15.84
C ALA A 211 13.76 -5.58 -15.17
N GLN A 212 14.63 -6.60 -15.15
CA GLN A 212 15.94 -6.44 -14.53
C GLN A 212 16.85 -5.50 -15.33
N ALA A 213 16.74 -5.52 -16.66
CA ALA A 213 17.48 -4.55 -17.47
C ALA A 213 17.03 -3.12 -17.15
N TRP A 214 15.73 -2.90 -17.06
CA TRP A 214 15.25 -1.58 -16.69
C TRP A 214 15.74 -1.18 -15.31
N GLU A 215 15.79 -2.13 -14.38
CA GLU A 215 16.26 -1.81 -13.03
C GLU A 215 17.73 -1.39 -13.03
N LYS A 216 18.56 -2.08 -13.82
CA LYS A 216 19.96 -1.64 -13.92
C LYS A 216 20.04 -0.22 -14.45
N GLU A 217 19.22 0.11 -15.46
CA GLU A 217 19.24 1.46 -16.00
C GLU A 217 18.74 2.48 -14.98
N PHE A 218 17.72 2.11 -14.21
CA PHE A 218 17.24 2.95 -13.12
C PHE A 218 18.36 3.27 -12.14
N ILE A 219 19.12 2.23 -11.75
CA ILE A 219 20.21 2.43 -10.79
C ILE A 219 21.27 3.36 -11.37
N ASN A 220 21.66 3.12 -12.63
CA ASN A 220 22.67 3.98 -13.25
C ASN A 220 22.21 5.44 -13.28
N PHE A 221 20.97 5.67 -13.73
CA PHE A 221 20.46 7.02 -13.77
C PHE A 221 20.54 7.68 -12.40
N VAL A 222 19.92 7.07 -11.39
CA VAL A 222 19.81 7.75 -10.10
C VAL A 222 21.18 7.92 -9.46
N LYS A 223 22.08 6.95 -9.64
CA LYS A 223 23.40 7.09 -9.05
C LYS A 223 24.20 8.20 -9.74
N ASN A 224 23.82 8.59 -10.96
CA ASN A 224 24.46 9.71 -11.63
C ASN A 224 23.61 10.98 -11.60
N TYR A 225 22.62 11.05 -10.72
CA TYR A 225 21.79 12.25 -10.56
C TYR A 225 22.19 12.90 -9.24
N LYS A 226 22.85 14.06 -9.31
CA LYS A 226 23.26 14.81 -8.13
C LYS A 226 22.62 16.19 -8.17
N ASN A 227 21.76 16.46 -7.20
CA ASN A 227 21.11 17.76 -7.05
C ASN A 227 21.43 18.29 -5.66
N PRO A 228 22.18 19.39 -5.53
CA PRO A 228 22.62 19.83 -4.20
C PRO A 228 21.48 20.04 -3.22
N ASN A 229 20.28 20.36 -3.70
CA ASN A 229 19.15 20.58 -2.80
C ASN A 229 18.47 19.29 -2.37
N LEU A 230 18.87 18.14 -2.90
CA LEU A 230 18.23 16.87 -2.59
C LEU A 230 19.26 15.83 -2.17
N THR A 231 18.89 15.02 -1.18
CA THR A 231 19.56 13.74 -0.94
C THR A 231 18.60 12.63 -1.33
N ILE A 232 19.13 11.58 -1.93
CA ILE A 232 18.32 10.50 -2.49
C ILE A 232 18.93 9.17 -2.06
N SER A 233 18.18 8.39 -1.31
CA SER A 233 18.44 6.96 -1.16
C SER A 233 17.62 6.23 -2.21
N PHE A 234 18.21 5.24 -2.85
CA PHE A 234 17.54 4.57 -3.95
C PHE A 234 17.83 3.08 -3.89
N THR A 235 16.79 2.29 -4.17
CA THR A 235 16.91 0.84 -4.19
C THR A 235 16.10 0.27 -5.34
N ALA A 236 16.64 -0.76 -5.98
CA ALA A 236 15.91 -1.58 -6.94
C ALA A 236 15.83 -3.00 -6.39
N GLU A 237 14.87 -3.77 -6.91
CA GLU A 237 14.66 -5.12 -6.40
C GLU A 237 15.88 -5.99 -6.65
N ARG A 238 16.25 -6.77 -5.65
CA ARG A 238 17.38 -7.68 -5.76
C ARG A 238 17.17 -8.67 -6.90
N GLY B 31 7.04 0.84 4.55
CA GLY B 31 8.36 0.68 3.96
C GLY B 31 9.48 1.06 4.90
N PRO B 32 10.36 1.97 4.46
CA PRO B 32 11.51 2.33 5.31
C PRO B 32 11.14 2.94 6.65
N PHE B 33 10.06 3.73 6.71
CA PHE B 33 9.73 4.46 7.94
C PHE B 33 8.74 3.72 8.82
N PHE B 34 8.41 2.48 8.50
CA PHE B 34 7.58 1.64 9.36
C PHE B 34 8.20 0.26 9.46
N ARG B 35 8.24 -0.27 10.67
CA ARG B 35 8.70 -1.63 10.90
C ARG B 35 7.68 -2.59 10.31
N THR B 36 8.15 -3.53 9.50
CA THR B 36 7.28 -4.45 8.76
C THR B 36 7.40 -5.84 9.40
N GLU B 37 6.33 -6.31 10.03
CA GLU B 37 6.24 -7.69 10.49
C GLU B 37 5.42 -8.44 9.45
N GLN B 38 5.99 -9.48 8.85
CA GLN B 38 5.38 -10.03 7.65
C GLN B 38 5.45 -11.54 7.63
N LEU B 39 4.35 -12.15 7.20
CA LEU B 39 4.24 -13.59 6.96
C LEU B 39 3.94 -13.84 5.49
N ILE B 40 4.60 -14.85 4.92
CA ILE B 40 4.25 -15.39 3.60
C ILE B 40 3.78 -16.82 3.81
N ILE B 41 2.61 -17.13 3.27
CA ILE B 41 1.91 -18.38 3.54
C ILE B 41 1.64 -19.11 2.23
N ARG B 42 1.89 -20.41 2.23
CA ARG B 42 1.61 -21.29 1.11
C ARG B 42 0.87 -22.52 1.65
N ALA B 43 0.13 -23.19 0.75
CA ALA B 43 -0.65 -24.38 1.11
C ALA B 43 -0.09 -25.56 0.32
N PRO B 44 0.84 -26.32 0.89
CA PRO B 44 1.53 -27.35 0.09
C PRO B 44 0.68 -28.58 -0.22
N LEU B 45 -0.23 -28.96 0.67
CA LEU B 45 -1.00 -30.19 0.50
C LEU B 45 -2.44 -29.93 0.04
N THR B 46 -2.70 -28.77 -0.57
CA THR B 46 -4.04 -28.41 -1.00
C THR B 46 -4.05 -28.24 -2.51
N ASP B 47 -5.03 -28.86 -3.17
CA ASP B 47 -5.18 -28.75 -4.60
C ASP B 47 -5.86 -27.44 -4.97
N LYS B 48 -5.58 -26.95 -6.18
CA LYS B 48 -6.43 -25.94 -6.77
C LYS B 48 -7.86 -26.48 -6.82
N HIS B 49 -8.81 -25.58 -7.05
CA HIS B 49 -10.18 -26.04 -7.28
C HIS B 49 -10.85 -25.09 -8.26
N ILE B 50 -12.07 -25.44 -8.65
CA ILE B 50 -12.82 -24.70 -9.66
C ILE B 50 -14.07 -24.13 -9.01
N TYR B 51 -14.35 -22.86 -9.28
CA TYR B 51 -15.55 -22.19 -8.83
C TYR B 51 -16.51 -22.08 -10.01
N GLN B 52 -17.72 -22.61 -9.83
CA GLN B 52 -18.74 -22.63 -10.87
C GLN B 52 -19.82 -21.61 -10.53
N PRO B 53 -19.84 -20.44 -11.17
CA PRO B 53 -20.85 -19.45 -10.83
C PRO B 53 -22.25 -19.93 -11.20
N TYR B 54 -23.22 -19.49 -10.40
CA TYR B 54 -24.63 -19.68 -10.71
C TYR B 54 -25.33 -18.34 -10.55
N PRO B 55 -26.27 -17.98 -11.44
CA PRO B 55 -26.92 -18.79 -12.49
C PRO B 55 -26.07 -19.06 -13.72
N SER B 56 -25.11 -18.22 -14.05
CA SER B 56 -24.34 -18.41 -15.26
C SER B 56 -22.98 -17.75 -15.11
N GLY B 57 -22.04 -18.18 -15.95
CA GLY B 57 -20.68 -17.69 -15.94
C GLY B 57 -19.71 -18.83 -16.21
N ALA B 58 -18.54 -18.46 -16.71
CA ALA B 58 -17.49 -19.44 -16.95
C ALA B 58 -16.84 -19.86 -15.64
N ASP B 59 -16.27 -21.07 -15.64
CA ASP B 59 -15.59 -21.57 -14.46
C ASP B 59 -14.36 -20.72 -14.16
N VAL B 60 -14.09 -20.50 -12.88
CA VAL B 60 -12.99 -19.68 -12.42
C VAL B 60 -12.07 -20.55 -11.56
N PRO B 61 -10.80 -20.73 -11.92
CA PRO B 61 -9.91 -21.51 -11.06
C PRO B 61 -9.44 -20.70 -9.85
N PHE B 62 -9.28 -21.39 -8.74
CA PHE B 62 -8.77 -20.79 -7.50
C PHE B 62 -7.59 -21.59 -6.99
N GLY B 63 -6.52 -20.89 -6.63
CA GLY B 63 -5.29 -21.50 -6.21
C GLY B 63 -5.39 -22.20 -4.87
N PRO B 64 -4.33 -22.92 -4.50
CA PRO B 64 -4.34 -23.71 -3.25
C PRO B 64 -4.67 -22.87 -2.03
N PRO B 65 -3.94 -21.77 -1.78
CA PRO B 65 -4.13 -21.05 -0.51
C PRO B 65 -5.45 -20.31 -0.42
N LEU B 66 -6.27 -20.31 -1.47
CA LEU B 66 -7.60 -19.73 -1.43
C LEU B 66 -8.67 -20.77 -1.18
N ASP B 67 -8.28 -22.00 -0.86
CA ASP B 67 -9.22 -22.99 -0.34
C ASP B 67 -9.80 -22.48 0.97
N ILE B 68 -11.09 -22.76 1.20
CA ILE B 68 -11.81 -22.15 2.32
C ILE B 68 -11.21 -22.60 3.65
N GLN B 69 -10.89 -23.90 3.78
CA GLN B 69 -10.28 -24.39 5.01
C GLN B 69 -8.94 -23.70 5.27
N ILE B 70 -8.16 -23.50 4.21
CA ILE B 70 -6.88 -22.81 4.36
C ILE B 70 -7.11 -21.39 4.84
N LEU B 71 -8.12 -20.70 4.29
CA LEU B 71 -8.36 -19.33 4.70
C LEU B 71 -8.75 -19.24 6.16
N HIS B 72 -9.56 -20.20 6.64
CA HIS B 72 -9.90 -20.22 8.06
C HIS B 72 -8.66 -20.45 8.93
N GLN B 73 -7.79 -21.37 8.52
CA GLN B 73 -6.57 -21.61 9.30
C GLN B 73 -5.65 -20.38 9.31
N VAL B 74 -5.57 -19.70 8.17
CA VAL B 74 -4.73 -18.50 8.08
C VAL B 74 -5.30 -17.40 8.95
N LEU B 75 -6.63 -17.25 8.97
CA LEU B 75 -7.24 -16.24 9.83
C LEU B 75 -6.96 -16.55 11.30
N ASP B 76 -7.00 -17.84 11.68
CA ASP B 76 -6.63 -18.21 13.04
C ASP B 76 -5.24 -17.72 13.37
N LEU B 77 -4.27 -17.99 12.48
CA LEU B 77 -2.90 -17.55 12.73
C LEU B 77 -2.82 -16.03 12.85
N GLN B 78 -3.50 -15.31 11.97
CA GLN B 78 -3.47 -13.85 11.98
C GLN B 78 -3.99 -13.30 13.30
N ILE B 79 -5.18 -13.76 13.70
CA ILE B 79 -5.76 -13.31 14.97
C ILE B 79 -4.85 -13.68 16.13
N ALA B 80 -4.21 -14.84 16.08
CA ALA B 80 -3.29 -15.22 17.14
C ALA B 80 -2.13 -14.25 17.23
N ILE B 81 -1.65 -13.77 16.08
CA ILE B 81 -0.56 -12.79 16.11
C ILE B 81 -1.04 -11.48 16.73
N GLU B 82 -2.30 -11.10 16.47
CA GLU B 82 -2.80 -9.88 17.11
C GLU B 82 -2.88 -10.01 18.63
N ASN B 83 -2.98 -11.24 19.15
CA ASN B 83 -3.09 -11.47 20.58
C ASN B 83 -1.74 -11.75 21.25
N ILE B 84 -0.64 -11.69 20.50
CA ILE B 84 0.68 -11.86 21.10
C ILE B 84 0.96 -10.71 22.05
N THR B 85 1.43 -11.05 23.25
CA THR B 85 1.83 -10.05 24.24
C THR B 85 3.29 -10.26 24.64
N ALA B 86 3.94 -9.17 25.00
CA ALA B 86 5.31 -9.19 25.50
C ALA B 86 5.36 -8.51 26.85
N SER B 87 6.46 -8.70 27.57
CA SER B 87 6.69 -8.04 28.84
C SER B 87 7.80 -7.00 28.65
N TYR B 88 7.51 -5.76 29.03
CA TYR B 88 8.51 -4.71 29.11
C TYR B 88 8.32 -4.00 30.45
N ASP B 89 9.40 -3.87 31.21
CA ASP B 89 9.31 -3.43 32.61
C ASP B 89 8.41 -4.45 33.29
N ASN B 90 7.39 -4.03 34.04
CA ASN B 90 6.35 -4.92 34.56
C ASN B 90 5.02 -4.66 33.88
N GLU B 91 5.06 -4.27 32.60
CA GLU B 91 3.87 -3.89 31.85
C GLU B 91 3.77 -4.71 30.58
N THR B 92 2.54 -5.05 30.20
CA THR B 92 2.30 -5.89 29.04
C THR B 92 2.24 -5.05 27.77
N VAL B 93 2.80 -5.60 26.70
CA VAL B 93 2.89 -4.92 25.41
C VAL B 93 2.04 -5.71 24.43
N THR B 94 1.02 -5.05 23.90
CA THR B 94 0.14 -5.62 22.88
C THR B 94 0.50 -5.05 21.51
N LEU B 95 0.05 -5.74 20.46
CA LEU B 95 0.24 -5.19 19.11
C LEU B 95 -0.45 -3.83 18.99
N GLN B 96 -1.63 -3.69 19.62
CA GLN B 96 -2.36 -2.44 19.54
C GLN B 96 -1.58 -1.26 20.11
N ASP B 97 -0.62 -1.51 21.00
CA ASP B 97 0.18 -0.44 21.58
C ASP B 97 1.18 0.15 20.59
N ILE B 98 1.54 -0.60 19.54
CA ILE B 98 2.68 -0.25 18.69
C ILE B 98 2.33 -0.25 17.21
N CYS B 99 1.12 -0.63 16.83
CA CYS B 99 0.81 -0.83 15.43
C CYS B 99 0.45 0.48 14.74
N LEU B 100 0.64 0.51 13.42
CA LEU B 100 0.16 1.63 12.62
C LEU B 100 -1.37 1.64 12.66
N ALA B 101 -1.94 2.64 13.33
CA ALA B 101 -3.39 2.83 13.42
C ALA B 101 -3.67 4.25 12.93
N PRO B 102 -3.71 4.46 11.60
CA PRO B 102 -3.73 5.83 11.08
C PRO B 102 -5.03 6.57 11.31
N LEU B 103 -6.13 5.86 11.60
CA LEU B 103 -7.40 6.49 11.90
C LEU B 103 -7.61 6.70 13.40
N SER B 104 -6.60 6.43 14.21
CA SER B 104 -6.73 6.63 15.65
C SER B 104 -6.93 8.12 15.95
N PRO B 105 -7.62 8.46 17.06
CA PRO B 105 -8.26 7.59 18.06
C PRO B 105 -9.65 7.08 17.70
N TYR B 106 -10.17 7.37 16.51
CA TYR B 106 -11.56 7.06 16.19
C TYR B 106 -11.73 5.59 15.83
N ASN B 107 -10.87 5.06 14.97
CA ASN B 107 -10.80 3.64 14.66
C ASN B 107 -9.40 3.17 15.01
N THR B 108 -9.28 2.40 16.09
CA THR B 108 -7.98 1.98 16.59
C THR B 108 -7.57 0.60 16.11
N ASN B 109 -8.36 -0.04 15.26
CA ASN B 109 -7.96 -1.33 14.71
C ASN B 109 -6.63 -1.21 13.99
N CYS B 110 -5.73 -2.14 14.28
CA CYS B 110 -4.42 -2.14 13.63
C CYS B 110 -4.56 -2.39 12.14
N THR B 111 -3.72 -1.72 11.37
CA THR B 111 -3.61 -2.00 9.94
C THR B 111 -3.04 -3.40 9.75
N ILE B 112 -3.85 -4.33 9.28
CA ILE B 112 -3.38 -5.64 8.84
C ILE B 112 -3.69 -5.75 7.35
N LEU B 113 -2.66 -5.93 6.55
CA LEU B 113 -2.81 -6.07 5.10
C LEU B 113 -2.84 -7.56 4.79
N SER B 114 -4.03 -8.04 4.43
CA SER B 114 -4.26 -9.47 4.27
C SER B 114 -5.54 -9.67 3.46
N VAL B 115 -5.55 -10.74 2.67
CA VAL B 115 -6.74 -11.07 1.87
C VAL B 115 -7.94 -11.25 2.78
N LEU B 116 -7.71 -11.72 4.02
CA LEU B 116 -8.81 -11.92 4.96
C LEU B 116 -9.51 -10.61 5.32
N ASN B 117 -8.85 -9.47 5.10
CA ASN B 117 -9.51 -8.20 5.39
C ASN B 117 -10.65 -7.90 4.41
N TYR B 118 -10.70 -8.60 3.27
CA TYR B 118 -11.90 -8.49 2.43
C TYR B 118 -13.12 -9.06 3.14
N PHE B 119 -12.91 -9.94 4.11
CA PHE B 119 -13.96 -10.52 4.93
C PHE B 119 -13.91 -9.99 6.36
N GLN B 120 -13.32 -8.81 6.55
CA GLN B 120 -13.23 -8.16 7.86
C GLN B 120 -12.69 -9.09 8.92
N ASN B 121 -11.72 -9.93 8.52
CA ASN B 121 -11.01 -10.80 9.45
C ASN B 121 -11.99 -11.62 10.30
N SER B 122 -13.06 -12.07 9.67
CA SER B 122 -14.14 -12.76 10.37
C SER B 122 -14.38 -14.13 9.77
N HIS B 123 -14.41 -15.15 10.62
CA HIS B 123 -14.80 -16.48 10.19
C HIS B 123 -16.21 -16.47 9.61
N SER B 124 -17.15 -15.83 10.31
CA SER B 124 -18.54 -15.78 9.86
C SER B 124 -18.64 -15.21 8.45
N VAL B 125 -18.11 -14.00 8.25
CA VAL B 125 -18.17 -13.36 6.93
C VAL B 125 -17.53 -14.25 5.88
N LEU B 126 -16.43 -14.93 6.25
CA LEU B 126 -15.78 -15.83 5.31
C LEU B 126 -16.72 -16.96 4.89
N ASP B 127 -17.53 -17.46 5.82
CA ASP B 127 -18.46 -18.53 5.52
C ASP B 127 -19.80 -18.06 4.95
N HIS B 128 -20.07 -16.76 4.93
CA HIS B 128 -21.36 -16.27 4.43
CA HIS B 128 -21.34 -16.26 4.42
C HIS B 128 -21.64 -16.85 3.05
N LYS B 129 -22.89 -17.27 2.85
CA LYS B 129 -23.28 -17.96 1.62
C LYS B 129 -24.77 -17.81 1.42
N LYS B 130 -25.17 -17.68 0.16
CA LYS B 130 -26.59 -17.63 -0.22
C LYS B 130 -26.81 -18.69 -1.29
N GLY B 131 -27.61 -19.70 -0.97
CA GLY B 131 -27.88 -20.77 -1.90
C GLY B 131 -29.00 -21.68 -1.42
N ASP B 132 -29.81 -22.16 -2.36
CA ASP B 132 -30.84 -23.13 -2.03
C ASP B 132 -30.18 -24.51 -1.86
N ASP B 133 -31.02 -25.56 -1.77
CA ASP B 133 -30.50 -26.91 -1.63
C ASP B 133 -29.85 -27.43 -2.90
N PHE B 134 -30.01 -26.72 -4.03
CA PHE B 134 -29.55 -27.21 -5.32
C PHE B 134 -28.36 -26.44 -5.88
N PHE B 135 -28.22 -25.16 -5.58
CA PHE B 135 -27.15 -24.36 -6.16
C PHE B 135 -26.69 -23.32 -5.16
N VAL B 136 -25.44 -22.88 -5.34
CA VAL B 136 -24.83 -21.83 -4.52
C VAL B 136 -24.82 -20.57 -5.36
N TYR B 137 -25.57 -19.56 -4.93
CA TYR B 137 -25.68 -18.31 -5.69
C TYR B 137 -24.56 -17.33 -5.37
N ALA B 138 -24.13 -17.26 -4.12
CA ALA B 138 -23.03 -16.37 -3.74
C ALA B 138 -22.33 -16.93 -2.52
N ASP B 139 -21.01 -16.90 -2.54
CA ASP B 139 -20.19 -17.34 -1.41
C ASP B 139 -18.91 -16.50 -1.41
N TYR B 140 -17.86 -17.02 -0.76
CA TYR B 140 -16.64 -16.23 -0.62
C TYR B 140 -15.90 -16.07 -1.94
N HIS B 141 -16.13 -16.96 -2.91
CA HIS B 141 -15.54 -16.76 -4.24
C HIS B 141 -16.07 -15.50 -4.88
N THR B 142 -17.39 -15.33 -4.90
CA THR B 142 -18.00 -14.12 -5.46
C THR B 142 -17.45 -12.87 -4.79
N HIS B 143 -17.34 -12.90 -3.45
CA HIS B 143 -16.87 -11.73 -2.72
C HIS B 143 -15.41 -11.43 -3.06
N PHE B 144 -14.55 -12.46 -3.06
CA PHE B 144 -13.16 -12.26 -3.46
C PHE B 144 -13.09 -11.64 -4.84
N LEU B 145 -13.83 -12.21 -5.80
CA LEU B 145 -13.74 -11.74 -7.18
C LEU B 145 -14.17 -10.29 -7.28
N TYR B 146 -15.22 -9.89 -6.57
CA TYR B 146 -15.63 -8.49 -6.60
C TYR B 146 -14.58 -7.60 -5.94
N CYS B 147 -14.16 -7.95 -4.72
CA CYS B 147 -13.39 -7.01 -3.91
C CYS B 147 -12.03 -6.71 -4.52
N VAL B 148 -11.41 -7.67 -5.22
CA VAL B 148 -10.09 -7.42 -5.77
C VAL B 148 -10.13 -6.35 -6.85
N ARG B 149 -11.30 -6.09 -7.44
CA ARG B 149 -11.44 -5.05 -8.44
C ARG B 149 -12.20 -3.83 -7.94
N ALA B 150 -12.74 -3.88 -6.70
CA ALA B 150 -13.32 -2.71 -6.05
C ALA B 150 -13.06 -2.83 -4.56
N PRO B 151 -11.79 -2.72 -4.15
CA PRO B 151 -11.46 -3.03 -2.75
C PRO B 151 -11.88 -1.96 -1.75
N ALA B 152 -12.39 -0.82 -2.21
CA ALA B 152 -12.86 0.23 -1.33
C ALA B 152 -14.37 0.21 -1.13
N SER B 153 -15.05 -0.82 -1.66
CA SER B 153 -16.50 -0.84 -1.63
C SER B 153 -17.03 -1.15 -0.23
N LEU B 154 -18.23 -0.65 0.04
CA LEU B 154 -18.95 -0.95 1.28
C LEU B 154 -20.10 -1.94 1.04
N ASN B 155 -20.20 -2.50 -0.17
CA ASN B 155 -21.29 -3.41 -0.52
C ASN B 155 -20.94 -4.09 -1.84
N ASP B 156 -20.87 -5.43 -1.85
CA ASP B 156 -20.33 -6.16 -2.99
C ASP B 156 -21.38 -6.45 -4.07
N THR B 157 -22.51 -5.75 -4.06
CA THR B 157 -23.53 -5.86 -5.10
C THR B 157 -23.81 -7.32 -5.45
N SER B 158 -24.04 -8.13 -4.43
CA SER B 158 -24.43 -9.52 -4.60
C SER B 158 -25.41 -9.87 -3.49
N LEU B 159 -25.88 -11.12 -3.49
CA LEU B 159 -26.84 -11.54 -2.47
C LEU B 159 -26.28 -11.40 -1.06
N LEU B 160 -24.98 -11.21 -0.89
CA LEU B 160 -24.39 -11.07 0.43
C LEU B 160 -24.33 -9.62 0.91
N HIS B 161 -24.12 -8.67 -0.01
CA HIS B 161 -24.01 -7.26 0.34
C HIS B 161 -22.92 -7.01 1.37
N ASP B 162 -21.86 -7.82 1.35
CA ASP B 162 -20.81 -7.66 2.35
C ASP B 162 -19.78 -6.63 1.88
N PRO B 163 -19.17 -5.89 2.81
CA PRO B 163 -18.18 -4.88 2.42
C PRO B 163 -16.83 -5.51 2.08
N CYS B 164 -15.98 -4.69 1.44
CA CYS B 164 -14.62 -5.08 1.11
C CYS B 164 -13.57 -4.40 1.95
N LEU B 165 -13.92 -3.36 2.69
CA LEU B 165 -12.94 -2.56 3.41
C LEU B 165 -12.33 -3.33 4.58
N GLY B 166 -11.02 -3.18 4.76
CA GLY B 166 -10.38 -3.72 5.93
C GLY B 166 -10.89 -3.07 7.21
N THR B 167 -10.73 -3.78 8.32
CA THR B 167 -11.24 -3.28 9.59
C THR B 167 -10.52 -2.03 10.06
N PHE B 168 -9.37 -1.69 9.46
CA PHE B 168 -8.68 -0.45 9.78
C PHE B 168 -9.26 0.76 9.06
N GLY B 169 -10.27 0.57 8.22
CA GLY B 169 -10.97 1.66 7.58
C GLY B 169 -10.49 2.02 6.19
N GLY B 170 -9.64 1.22 5.58
CA GLY B 170 -9.12 1.52 4.26
C GLY B 170 -9.08 0.29 3.36
N PRO B 171 -8.91 0.50 2.06
CA PRO B 171 -8.87 -0.63 1.13
C PRO B 171 -7.57 -1.42 1.25
N VAL B 172 -7.63 -2.65 0.77
CA VAL B 172 -6.48 -3.55 0.71
C VAL B 172 -6.26 -3.90 -0.76
N PHE B 173 -5.23 -3.34 -1.36
CA PHE B 173 -4.96 -3.58 -2.76
C PHE B 173 -4.58 -5.06 -2.95
N PRO B 174 -5.21 -5.76 -3.89
CA PRO B 174 -5.00 -7.21 -3.98
C PRO B 174 -3.56 -7.62 -4.23
N TRP B 175 -2.76 -6.76 -4.87
CA TRP B 175 -1.37 -7.10 -5.18
C TRP B 175 -0.44 -6.90 -3.99
N LEU B 176 -0.94 -6.40 -2.87
CA LEU B 176 -0.16 -6.29 -1.63
C LEU B 176 -0.31 -7.51 -0.75
N VAL B 177 -1.27 -8.40 -1.03
CA VAL B 177 -1.59 -9.51 -0.15
C VAL B 177 -1.67 -10.83 -0.90
N LEU B 178 -1.42 -10.85 -2.21
CA LEU B 178 -1.46 -12.06 -3.00
C LEU B 178 -0.20 -12.15 -3.86
N GLY B 179 0.21 -13.38 -4.14
CA GLY B 179 1.39 -13.62 -4.95
C GLY B 179 1.25 -14.89 -5.75
N GLY B 180 2.13 -15.02 -6.75
CA GLY B 180 2.15 -16.22 -7.56
C GLY B 180 1.04 -16.36 -8.56
N TYR B 181 0.42 -15.26 -8.95
CA TYR B 181 -0.67 -15.26 -9.93
C TYR B 181 -0.20 -14.68 -11.25
N ASP B 182 -0.97 -14.95 -12.29
CA ASP B 182 -0.69 -14.48 -13.64
C ASP B 182 -1.52 -13.24 -13.95
N ASP B 183 -0.89 -12.26 -14.61
CA ASP B 183 -1.57 -11.04 -15.01
C ASP B 183 -2.38 -10.46 -13.86
N GLN B 184 -3.69 -10.33 -14.03
CA GLN B 184 -4.57 -9.80 -12.98
C GLN B 184 -5.51 -10.87 -12.43
N ASN B 185 -5.28 -12.15 -12.73
CA ASN B 185 -6.12 -13.23 -12.20
C ASN B 185 -5.66 -13.55 -10.79
N TYR B 186 -6.08 -12.70 -9.85
CA TYR B 186 -5.69 -12.90 -8.45
C TYR B 186 -6.19 -14.22 -7.90
N ASN B 187 -7.25 -14.79 -8.51
CA ASN B 187 -7.78 -16.07 -8.06
C ASN B 187 -6.76 -17.19 -8.15
N ASN B 188 -5.76 -17.07 -9.02
CA ASN B 188 -4.76 -18.11 -9.20
C ASN B 188 -3.58 -17.96 -8.25
N ALA B 189 -3.68 -17.08 -7.26
CA ALA B 189 -2.56 -16.89 -6.35
C ALA B 189 -2.15 -18.22 -5.72
N THR B 190 -0.84 -18.37 -5.50
CA THR B 190 -0.29 -19.53 -4.82
C THR B 190 0.39 -19.17 -3.51
N ALA B 191 0.46 -17.88 -3.16
CA ALA B 191 1.01 -17.43 -1.91
C ALA B 191 0.18 -16.26 -1.40
N LEU B 192 0.01 -16.20 -0.09
CA LEU B 192 -0.56 -15.04 0.57
C LEU B 192 0.54 -14.33 1.35
N VAL B 193 0.39 -13.02 1.51
CA VAL B 193 1.28 -12.26 2.39
C VAL B 193 0.41 -11.45 3.34
N ILE B 194 0.77 -11.51 4.62
CA ILE B 194 0.06 -10.81 5.69
C ILE B 194 1.05 -9.88 6.34
N THR B 195 0.74 -8.59 6.34
CA THR B 195 1.66 -7.55 6.81
C THR B 195 1.03 -6.81 7.99
N PHE B 196 1.77 -6.76 9.09
CA PHE B 196 1.44 -5.93 10.24
C PHE B 196 2.44 -4.76 10.27
N PRO B 197 2.04 -3.56 9.89
CA PRO B 197 2.92 -2.40 10.05
C PRO B 197 2.95 -1.91 11.49
N VAL B 198 4.15 -1.56 11.95
CA VAL B 198 4.40 -1.14 13.31
C VAL B 198 5.15 0.19 13.27
N ASN B 199 4.70 1.15 14.07
CA ASN B 199 5.36 2.45 14.11
C ASN B 199 6.84 2.29 14.42
N ASN B 200 7.65 3.18 13.87
CA ASN B 200 9.09 3.10 14.08
C ASN B 200 9.56 3.87 15.29
N TYR B 201 8.74 4.79 15.80
CA TYR B 201 9.00 5.46 17.07
C TYR B 201 10.40 6.05 17.12
N TYR B 202 10.75 6.78 16.07
CA TYR B 202 12.08 7.38 15.98
C TYR B 202 12.32 8.40 17.08
N ASN B 203 11.27 8.96 17.68
CA ASN B 203 11.41 10.01 18.68
C ASN B 203 10.87 9.61 20.05
N ASP B 204 10.68 8.32 20.30
CA ASP B 204 10.24 7.82 21.61
C ASP B 204 10.97 6.50 21.86
N THR B 205 12.10 6.58 22.57
CA THR B 205 12.89 5.38 22.81
C THR B 205 12.14 4.37 23.67
N GLU B 206 11.30 4.83 24.60
CA GLU B 206 10.50 3.91 25.40
C GLU B 206 9.54 3.10 24.52
N LYS B 207 8.84 3.80 23.63
CA LYS B 207 7.93 3.14 22.72
C LYS B 207 8.67 2.21 21.77
N LEU B 208 9.87 2.62 21.33
CA LEU B 208 10.67 1.76 20.45
C LEU B 208 11.11 0.50 21.17
N GLN B 209 11.53 0.62 22.43
CA GLN B 209 11.92 -0.55 23.20
C GLN B 209 10.74 -1.51 23.38
N ARG B 210 9.54 -0.95 23.62
CA ARG B 210 8.36 -1.79 23.72
C ARG B 210 8.11 -2.54 22.41
N ALA B 211 8.20 -1.83 21.28
CA ALA B 211 8.00 -2.48 19.99
C ALA B 211 9.01 -3.58 19.76
N GLN B 212 10.26 -3.36 20.16
CA GLN B 212 11.29 -4.39 19.97
C GLN B 212 10.99 -5.63 20.80
N ALA B 213 10.56 -5.45 22.05
CA ALA B 213 10.16 -6.60 22.85
C ALA B 213 9.03 -7.37 22.18
N TRP B 214 8.03 -6.65 21.67
CA TRP B 214 6.94 -7.34 20.98
C TRP B 214 7.46 -8.10 19.77
N GLU B 215 8.39 -7.52 19.02
CA GLU B 215 8.95 -8.20 17.86
C GLU B 215 9.60 -9.52 18.25
N LYS B 216 10.30 -9.54 19.39
CA LYS B 216 10.94 -10.78 19.81
C LYS B 216 9.90 -11.86 20.13
N GLU B 217 8.82 -11.47 20.82
CA GLU B 217 7.75 -12.45 21.06
C GLU B 217 7.14 -12.94 19.74
N PHE B 218 6.95 -12.02 18.79
CA PHE B 218 6.41 -12.40 17.48
C PHE B 218 7.29 -13.43 16.80
N ILE B 219 8.60 -13.15 16.74
CA ILE B 219 9.54 -14.07 16.11
C ILE B 219 9.45 -15.44 16.76
N ASN B 220 9.47 -15.48 18.10
CA ASN B 220 9.41 -16.76 18.79
C ASN B 220 8.12 -17.51 18.47
N PHE B 221 6.99 -16.79 18.48
CA PHE B 221 5.71 -17.41 18.18
C PHE B 221 5.74 -18.10 16.82
N VAL B 222 6.17 -17.37 15.78
CA VAL B 222 6.08 -17.95 14.44
C VAL B 222 7.11 -19.05 14.25
N LYS B 223 8.28 -18.96 14.91
CA LYS B 223 9.23 -20.06 14.86
C LYS B 223 8.63 -21.32 15.45
N ASN B 224 7.76 -21.18 16.44
CA ASN B 224 7.15 -22.33 17.11
C ASN B 224 5.74 -22.64 16.59
N TYR B 225 5.40 -22.19 15.38
CA TYR B 225 4.11 -22.48 14.76
C TYR B 225 4.33 -23.42 13.59
N LYS B 226 3.75 -24.62 13.67
CA LYS B 226 3.85 -25.61 12.61
C LYS B 226 2.47 -26.18 12.34
N ASN B 227 2.01 -26.04 11.10
CA ASN B 227 0.75 -26.61 10.65
C ASN B 227 1.05 -27.37 9.37
N PRO B 228 0.88 -28.70 9.33
CA PRO B 228 1.21 -29.44 8.10
C PRO B 228 0.50 -28.92 6.86
N ASN B 229 -0.65 -28.27 7.01
CA ASN B 229 -1.37 -27.74 5.86
C ASN B 229 -0.84 -26.38 5.39
N LEU B 230 0.15 -25.82 6.07
CA LEU B 230 0.67 -24.50 5.73
C LEU B 230 2.20 -24.49 5.75
N THR B 231 2.78 -23.77 4.80
CA THR B 231 4.18 -23.39 4.82
C THR B 231 4.24 -21.90 5.12
N ILE B 232 4.95 -21.53 6.18
CA ILE B 232 5.00 -20.15 6.65
C ILE B 232 6.46 -19.70 6.68
N SER B 233 6.74 -18.57 6.02
CA SER B 233 7.99 -17.84 6.14
C SER B 233 7.69 -16.48 6.72
N PHE B 234 8.69 -15.84 7.33
CA PHE B 234 8.38 -14.59 8.00
C PHE B 234 9.62 -13.75 8.16
N THR B 235 9.40 -12.44 8.29
CA THR B 235 10.46 -11.50 8.65
C THR B 235 9.93 -10.48 9.65
N ALA B 236 10.79 -10.07 10.57
CA ALA B 236 10.55 -8.97 11.48
C ALA B 236 11.56 -7.87 11.19
N GLU B 237 11.31 -6.70 11.76
CA GLU B 237 12.19 -5.55 11.56
C GLU B 237 13.54 -5.81 12.21
#